data_5CP3
#
_entry.id   5CP3
#
_cell.length_a   126.624
_cell.length_b   69.474
_cell.length_c   62.009
_cell.angle_alpha   90.000
_cell.angle_beta   115.260
_cell.angle_gamma   90.000
#
_symmetry.space_group_name_H-M   'C 1 2 1'
#
loop_
_entity.id
_entity.type
_entity.pdbx_description
1 polymer 'Light Chain of Antigen-Binding Fragment of Monoclonal Antibody of 4C7'
2 polymer 'Heavy Chain of Antigen-Binding Fragment of Monoclonal Antibody of 4C7'
3 non-polymer 4-amino-N-(1,3-thiazol-2-yl)benzenesulfonamide
4 non-polymer GLYCEROL
5 non-polymer 'CALCIUM ION'
6 water water
#
loop_
_entity_poly.entity_id
_entity_poly.type
_entity_poly.pdbx_seq_one_letter_code
_entity_poly.pdbx_strand_id
1 'polypeptide(L)'
;DVVMTQTPITLSVTIGQPASISCKSSQSLLDSDGKTYLNWLLQRPGQSPKRLIYLVSKLDSRVPDRFTGSGAGTDFTLKI
SRVEAEDLGIYYCWQGTHFPQTFGGGTKLEIKRAEAAPTVSIFPPSSEQLTSGGASVVCFLNNFYPKDINVKWKIDGSER
QNGVLNSETDQDSKDSTYSMSSTLTLTKDEYERHNTYTCEATHKTSTSPIVKSFNRNE
;
A
2 'polypeptide(L)'
;DVQLRESGPDLVTPSQSLSLTCTVTGYSITSGYSWHWNRQFPGNKLEWMGYIHYSGSTNYNPSLRGRISITRDTSKNQFF
LQLNSVTTEDTATYYCARYGGYWGQGTSVTVASAATTPPSVYPLAPGGGATNSMVTLGCLVKGYFPEPVTVTWNSGSLSG
GVHTFPAVLQSDLYTLSSSVTVPSSTWPSETVTCNVAHPASSTKVDKKIVPR
;
H
#
# COMPACT_ATOMS: atom_id res chain seq x y z
N ASP A 1 24.90 11.50 5.99
CA ASP A 1 24.52 10.08 5.92
C ASP A 1 25.26 9.30 4.83
N VAL A 2 25.50 8.03 5.15
CA VAL A 2 26.03 7.09 4.21
C VAL A 2 24.88 6.78 3.25
N VAL A 3 25.09 7.05 1.96
CA VAL A 3 24.07 6.71 0.93
C VAL A 3 24.19 5.22 0.61
N MET A 4 23.05 4.58 0.48
CA MET A 4 22.93 3.18 0.15
C MET A 4 22.13 3.13 -1.18
N THR A 5 22.78 2.68 -2.26
CA THR A 5 22.14 2.67 -3.54
C THR A 5 21.93 1.27 -4.06
N GLN A 6 20.68 0.88 -4.28
CA GLN A 6 20.39 -0.49 -4.71
C GLN A 6 20.16 -0.60 -6.20
N THR A 7 20.53 -1.73 -6.81
CA THR A 7 20.28 -1.97 -8.23
C THR A 7 19.91 -3.43 -8.36
N PRO A 8 18.94 -3.74 -9.21
CA PRO A 8 18.12 -2.75 -9.94
C PRO A 8 17.06 -2.20 -9.02
N ILE A 9 16.20 -1.35 -9.57
CA ILE A 9 15.15 -0.72 -8.80
C ILE A 9 13.89 -1.59 -8.80
N THR A 10 13.64 -2.28 -9.90
CA THR A 10 12.54 -3.24 -9.99
C THR A 10 13.07 -4.44 -10.71
N LEU A 11 12.49 -5.59 -10.49
CA LEU A 11 12.93 -6.80 -11.12
C LEU A 11 11.74 -7.74 -11.25
N SER A 12 11.57 -8.38 -12.41
CA SER A 12 10.51 -9.35 -12.59
C SER A 12 11.18 -10.70 -12.81
N VAL A 13 10.72 -11.72 -12.10
CA VAL A 13 11.39 -13.03 -12.10
C VAL A 13 10.35 -14.14 -12.13
N THR A 14 10.58 -15.15 -12.92
CA THR A 14 9.76 -16.35 -12.96
C THR A 14 10.01 -17.26 -11.76
N ILE A 15 8.97 -17.74 -11.13
CA ILE A 15 9.14 -18.73 -10.07
C ILE A 15 10.08 -19.84 -10.52
N GLY A 16 11.01 -20.23 -9.63
CA GLY A 16 12.07 -21.16 -9.97
C GLY A 16 13.35 -20.60 -10.57
N GLN A 17 13.35 -19.34 -11.05
CA GLN A 17 14.57 -18.72 -11.58
C GLN A 17 15.34 -17.92 -10.50
N PRO A 18 16.64 -17.62 -10.72
CA PRO A 18 17.39 -16.93 -9.69
C PRO A 18 17.22 -15.43 -9.78
N ALA A 19 17.67 -14.72 -8.76
CA ALA A 19 17.69 -13.31 -8.86
C ALA A 19 18.84 -12.80 -8.09
N SER A 20 19.22 -11.57 -8.42
CA SER A 20 20.32 -10.92 -7.80
C SER A 20 20.07 -9.44 -7.65
N ILE A 21 20.53 -8.86 -6.54
CA ILE A 21 20.28 -7.47 -6.19
C ILE A 21 21.58 -6.99 -5.57
N SER A 22 21.92 -5.77 -5.89
CA SER A 22 23.19 -5.24 -5.53
C SER A 22 22.95 -4.01 -4.67
N CYS A 23 23.85 -3.79 -3.75
CA CYS A 23 23.77 -2.64 -2.89
C CYS A 23 25.15 -2.01 -2.80
N LYS A 24 25.21 -0.71 -3.03
CA LYS A 24 26.48 -0.01 -3.03
C LYS A 24 26.42 1.14 -2.00
N SER A 25 27.42 1.23 -1.14
CA SER A 25 27.49 2.28 -0.13
C SER A 25 28.46 3.42 -0.52
N SER A 26 28.18 4.64 -0.05
CA SER A 26 29.02 5.79 -0.36
C SER A 26 30.38 5.75 0.36
N GLN A 27 30.52 4.88 1.34
CA GLN A 27 31.83 4.63 1.92
C GLN A 27 31.81 3.26 2.57
N SER A 28 32.97 2.81 3.02
CA SER A 28 33.16 1.44 3.45
C SER A 28 32.29 1.19 4.65
N LEU A 29 31.70 -0.01 4.72
CA LEU A 29 30.89 -0.39 5.85
C LEU A 29 31.60 -1.13 6.96
N LEU A 30 32.92 -1.22 6.89
CA LEU A 30 33.71 -1.77 7.98
C LEU A 30 33.75 -0.85 9.16
N ASP A 31 33.32 -1.34 10.31
CA ASP A 31 33.33 -0.61 11.57
C ASP A 31 34.68 -0.78 12.23
N SER A 32 35.01 0.14 13.11
CA SER A 32 36.28 0.03 13.81
C SER A 32 36.33 -1.27 14.62
N ASP A 33 35.22 -1.87 15.00
CA ASP A 33 35.32 -3.15 15.73
C ASP A 33 35.63 -4.31 14.82
N GLY A 34 35.83 -4.03 13.53
CA GLY A 34 36.19 -5.05 12.54
C GLY A 34 35.05 -5.84 11.85
N LYS A 35 33.81 -5.63 12.29
CA LYS A 35 32.65 -6.27 11.68
C LYS A 35 32.06 -5.32 10.68
N THR A 36 31.35 -5.90 9.73
CA THR A 36 30.69 -5.12 8.70
C THR A 36 29.13 -5.20 8.81
N TYR A 37 28.52 -4.13 9.35
CA TYR A 37 27.06 -4.15 9.76
C TYR A 37 26.20 -3.84 8.59
N LEU A 38 26.08 -4.83 7.72
CA LEU A 38 25.22 -4.77 6.58
C LEU A 38 24.19 -5.87 6.58
N ASN A 39 22.91 -5.47 6.47
CA ASN A 39 21.82 -6.43 6.42
C ASN A 39 20.98 -6.28 5.16
N TRP A 40 20.25 -7.35 4.86
CA TRP A 40 19.20 -7.37 3.86
C TRP A 40 17.88 -7.79 4.48
N LEU A 41 16.82 -7.09 4.06
CA LEU A 41 15.49 -7.29 4.59
C LEU A 41 14.51 -7.42 3.43
N LEU A 42 13.43 -8.16 3.64
CA LEU A 42 12.32 -8.25 2.71
C LEU A 42 11.06 -7.67 3.37
N GLN A 43 10.26 -6.92 2.62
CA GLN A 43 8.95 -6.51 3.12
C GLN A 43 7.88 -6.99 2.15
N ARG A 44 7.10 -7.97 2.57
CA ARG A 44 6.03 -8.43 1.72
C ARG A 44 4.90 -7.41 1.79
N PRO A 45 4.12 -7.29 0.71
CA PRO A 45 3.05 -6.32 0.61
C PRO A 45 2.23 -6.27 1.89
N GLY A 46 1.95 -5.07 2.37
CA GLY A 46 1.16 -4.92 3.58
C GLY A 46 1.69 -5.65 4.82
N GLN A 47 2.99 -5.93 4.91
CA GLN A 47 3.57 -6.46 6.13
C GLN A 47 4.80 -5.69 6.57
N SER A 48 5.33 -6.03 7.74
CA SER A 48 6.57 -5.45 8.23
C SER A 48 7.81 -5.94 7.52
N PRO A 49 8.89 -5.19 7.59
CA PRO A 49 10.17 -5.74 7.19
C PRO A 49 10.56 -6.96 8.03
N LYS A 50 11.16 -7.92 7.35
CA LYS A 50 11.75 -9.13 7.92
C LYS A 50 13.24 -9.19 7.57
N ARG A 51 14.04 -9.64 8.53
CA ARG A 51 15.48 -9.75 8.31
C ARG A 51 15.83 -11.03 7.54
N LEU A 52 16.61 -10.89 6.46
CA LEU A 52 17.08 -12.06 5.70
C LEU A 52 18.52 -12.47 6.06
N ILE A 53 19.39 -11.48 6.00
CA ILE A 53 20.83 -11.62 6.15
C ILE A 53 21.34 -10.54 7.07
N TYR A 54 22.33 -10.86 7.91
CA TYR A 54 23.01 -9.87 8.74
C TYR A 54 24.53 -10.07 8.64
N LEU A 55 25.30 -9.07 9.02
CA LEU A 55 26.76 -9.12 8.92
C LEU A 55 27.20 -9.60 7.55
N VAL A 56 26.56 -9.09 6.50
CA VAL A 56 26.90 -9.38 5.10
C VAL A 56 26.44 -10.74 4.58
N SER A 57 26.61 -11.82 5.34
CA SER A 57 26.43 -13.14 4.78
C SER A 57 25.90 -14.14 5.75
N LYS A 58 25.51 -13.71 6.93
CA LYS A 58 24.91 -14.65 7.88
C LYS A 58 23.40 -14.76 7.61
N LEU A 59 22.91 -15.99 7.58
CA LEU A 59 21.50 -16.26 7.33
C LEU A 59 20.69 -16.22 8.59
N ASP A 60 19.63 -15.39 8.56
CA ASP A 60 18.70 -15.33 9.69
C ASP A 60 18.08 -16.74 9.87
N SER A 61 17.88 -17.20 11.12
CA SER A 61 17.52 -18.63 11.33
C SER A 61 16.04 -18.94 10.94
N ARG A 62 15.26 -17.87 10.70
CA ARG A 62 13.90 -18.00 10.30
C ARG A 62 13.76 -18.02 8.76
N VAL A 63 14.87 -17.86 8.05
CA VAL A 63 14.87 -17.64 6.61
C VAL A 63 15.55 -18.83 5.89
N PRO A 64 15.05 -19.22 4.70
CA PRO A 64 15.62 -20.39 4.01
C PRO A 64 16.94 -20.10 3.32
N ASP A 65 17.71 -21.14 3.03
CA ASP A 65 19.07 -20.90 2.57
C ASP A 65 19.14 -20.65 1.08
N ARG A 66 18.00 -20.52 0.40
CA ARG A 66 17.98 -19.96 -0.96
C ARG A 66 18.45 -18.50 -1.02
N PHE A 67 18.51 -17.82 0.13
CA PHE A 67 18.99 -16.49 0.20
C PHE A 67 20.45 -16.53 0.69
N THR A 68 21.34 -15.81 0.00
CA THR A 68 22.76 -15.65 0.38
C THR A 68 23.24 -14.20 0.11
N GLY A 69 24.16 -13.75 0.95
CA GLY A 69 24.66 -12.40 0.89
C GLY A 69 26.15 -12.52 0.73
N SER A 70 26.75 -11.62 -0.05
CA SER A 70 28.19 -11.57 -0.18
C SER A 70 28.58 -10.13 -0.33
N GLY A 71 29.89 -9.88 -0.26
CA GLY A 71 30.44 -8.56 -0.60
C GLY A 71 31.37 -8.05 0.46
N ALA A 72 31.87 -6.84 0.28
CA ALA A 72 32.77 -6.27 1.23
C ALA A 72 32.91 -4.80 0.95
N GLY A 73 33.28 -4.04 1.97
CA GLY A 73 33.65 -2.67 1.76
C GLY A 73 32.48 -1.80 1.39
N THR A 74 32.34 -1.53 0.09
CA THR A 74 31.23 -0.78 -0.42
C THR A 74 30.31 -1.55 -1.32
N ASP A 75 30.65 -2.80 -1.69
CA ASP A 75 29.80 -3.57 -2.62
C ASP A 75 29.24 -4.90 -2.10
N PHE A 76 27.94 -5.08 -2.23
CA PHE A 76 27.21 -6.17 -1.59
C PHE A 76 26.15 -6.80 -2.50
N THR A 77 25.90 -8.10 -2.33
CA THR A 77 24.98 -8.74 -3.19
C THR A 77 24.14 -9.73 -2.43
N LEU A 78 22.84 -9.67 -2.74
CA LEU A 78 21.89 -10.66 -2.32
C LEU A 78 21.56 -11.46 -3.51
N LYS A 79 21.56 -12.77 -3.31
CA LYS A 79 21.14 -13.71 -4.31
C LYS A 79 20.07 -14.63 -3.80
N ILE A 80 19.18 -14.96 -4.72
CA ILE A 80 18.15 -15.91 -4.50
C ILE A 80 18.36 -17.01 -5.52
N SER A 81 18.71 -18.21 -5.03
CA SER A 81 19.04 -19.28 -5.93
C SER A 81 17.83 -19.60 -6.81
N ARG A 82 16.68 -19.61 -6.18
CA ARG A 82 15.49 -20.11 -6.80
C ARG A 82 14.29 -19.37 -6.22
N VAL A 83 13.67 -18.49 -7.02
CA VAL A 83 12.58 -17.63 -6.49
C VAL A 83 11.24 -18.39 -6.28
N GLU A 84 10.61 -18.16 -5.13
CA GLU A 84 9.29 -18.70 -4.80
C GLU A 84 8.30 -17.55 -4.74
N ALA A 85 7.00 -17.90 -4.69
CA ALA A 85 5.90 -16.92 -4.75
C ALA A 85 5.98 -15.97 -3.55
N GLU A 86 6.36 -16.57 -2.43
CA GLU A 86 6.46 -15.86 -1.16
C GLU A 86 7.57 -14.82 -1.11
N ASP A 87 8.41 -14.77 -2.11
CA ASP A 87 9.50 -13.84 -2.15
C ASP A 87 9.13 -12.51 -2.81
N LEU A 88 7.91 -12.44 -3.30
CA LEU A 88 7.25 -11.20 -3.71
C LEU A 88 7.39 -10.09 -2.65
N GLY A 89 7.92 -8.98 -3.11
CA GLY A 89 7.96 -7.77 -2.27
C GLY A 89 9.10 -6.82 -2.55
N ILE A 90 9.47 -6.05 -1.51
CA ILE A 90 10.49 -5.07 -1.63
C ILE A 90 11.68 -5.47 -0.77
N TYR A 91 12.85 -5.58 -1.37
CA TYR A 91 14.11 -5.91 -0.66
C TYR A 91 14.87 -4.63 -0.30
N TYR A 92 15.40 -4.55 0.91
CA TYR A 92 16.18 -3.40 1.33
C TYR A 92 17.50 -3.88 1.92
N CYS A 93 18.55 -3.10 1.64
CA CYS A 93 19.80 -3.18 2.38
C CYS A 93 19.79 -2.17 3.50
N TRP A 94 20.68 -2.38 4.47
CA TRP A 94 20.75 -1.54 5.65
C TRP A 94 22.16 -1.58 6.18
N GLN A 95 22.64 -0.45 6.66
CA GLN A 95 23.93 -0.42 7.30
C GLN A 95 23.76 0.14 8.63
N GLY A 96 24.44 -0.49 9.58
CA GLY A 96 24.49 0.00 10.94
C GLY A 96 25.90 0.25 11.47
N THR A 97 26.82 0.49 10.57
CA THR A 97 28.17 0.83 10.96
C THR A 97 28.28 2.31 11.30
N HIS A 98 27.75 3.17 10.44
CA HIS A 98 27.94 4.63 10.63
C HIS A 98 26.68 5.29 11.13
N PHE A 99 26.85 6.35 11.88
CA PHE A 99 25.77 7.03 12.47
C PHE A 99 25.32 8.14 11.57
N PRO A 100 24.03 8.19 11.21
CA PRO A 100 22.89 7.38 11.58
C PRO A 100 22.81 6.15 10.68
N GLN A 101 22.37 5.01 11.21
CA GLN A 101 22.09 3.86 10.35
C GLN A 101 21.22 4.29 9.18
N THR A 102 21.49 3.75 8.01
CA THR A 102 20.72 4.06 6.83
C THR A 102 20.22 2.78 6.11
N PHE A 103 19.17 2.97 5.32
CA PHE A 103 18.55 1.91 4.54
C PHE A 103 18.69 2.32 3.12
N GLY A 104 18.84 1.34 2.20
CA GLY A 104 18.79 1.63 0.76
C GLY A 104 17.34 1.84 0.37
N GLY A 105 17.08 2.34 -0.85
CA GLY A 105 15.74 2.85 -1.24
C GLY A 105 14.79 1.74 -1.65
N GLY A 106 15.30 0.52 -1.77
CA GLY A 106 14.44 -0.62 -2.01
C GLY A 106 14.45 -1.13 -3.46
N THR A 107 14.28 -2.43 -3.63
CA THR A 107 14.20 -3.10 -4.94
C THR A 107 12.96 -3.93 -4.92
N LYS A 108 12.06 -3.67 -5.87
CA LYS A 108 10.78 -4.37 -5.91
C LYS A 108 10.85 -5.64 -6.80
N LEU A 109 10.69 -6.80 -6.17
CA LEU A 109 10.56 -8.07 -6.91
C LEU A 109 9.09 -8.44 -7.20
N GLU A 110 8.74 -8.55 -8.48
CA GLU A 110 7.45 -9.02 -8.97
C GLU A 110 7.62 -10.42 -9.55
N ILE A 111 6.55 -11.21 -9.47
CA ILE A 111 6.58 -12.54 -9.98
C ILE A 111 6.13 -12.46 -11.44
N LYS A 112 6.95 -12.97 -12.34
CA LYS A 112 6.56 -13.07 -13.78
C LYS A 112 5.58 -14.25 -13.90
N ARG A 113 4.47 -14.07 -14.60
CA ARG A 113 3.57 -15.15 -14.95
C ARG A 113 3.14 -14.92 -16.40
N ALA A 114 2.32 -15.83 -16.86
CA ALA A 114 1.75 -15.78 -18.20
C ALA A 114 0.96 -14.47 -18.40
N GLU A 115 0.99 -13.93 -19.61
CA GLU A 115 0.13 -12.80 -19.94
C GLU A 115 -1.35 -13.15 -19.66
N ALA A 116 -2.09 -12.18 -19.14
CA ALA A 116 -3.50 -12.33 -18.86
C ALA A 116 -4.21 -11.02 -19.23
N ALA A 117 -5.32 -11.20 -19.93
CA ALA A 117 -6.16 -10.15 -20.45
C ALA A 117 -7.04 -9.64 -19.35
N PRO A 118 -7.22 -8.30 -19.26
CA PRO A 118 -8.10 -7.73 -18.24
C PRO A 118 -9.54 -8.00 -18.51
N THR A 119 -10.34 -8.22 -17.46
CA THR A 119 -11.79 -8.20 -17.57
C THR A 119 -12.16 -6.74 -17.27
N VAL A 120 -12.82 -6.12 -18.21
CA VAL A 120 -13.05 -4.70 -18.19
C VAL A 120 -14.52 -4.49 -18.04
N SER A 121 -14.87 -3.67 -17.05
CA SER A 121 -16.26 -3.25 -16.82
C SER A 121 -16.38 -1.74 -16.68
N ILE A 122 -17.45 -1.20 -17.25
CA ILE A 122 -17.73 0.25 -17.15
C ILE A 122 -19.04 0.58 -16.40
N PHE A 123 -19.02 1.62 -15.55
CA PHE A 123 -20.21 2.00 -14.83
C PHE A 123 -20.58 3.48 -14.89
N PRO A 124 -21.86 3.74 -15.15
CA PRO A 124 -22.43 5.06 -15.15
C PRO A 124 -22.42 5.63 -13.76
N PRO A 125 -22.40 6.94 -13.66
CA PRO A 125 -22.59 7.53 -12.33
C PRO A 125 -23.94 7.11 -11.71
N SER A 126 -24.01 6.90 -10.39
CA SER A 126 -25.31 6.68 -9.72
C SER A 126 -26.16 7.98 -9.64
N SER A 127 -27.46 7.85 -9.51
CA SER A 127 -28.29 9.05 -9.33
C SER A 127 -27.96 9.73 -8.01
N GLU A 128 -27.69 8.91 -6.99
CA GLU A 128 -27.23 9.46 -5.74
C GLU A 128 -26.12 10.47 -5.97
N GLN A 129 -25.04 10.05 -6.60
CA GLN A 129 -23.95 10.97 -6.82
C GLN A 129 -24.40 12.23 -7.56
N LEU A 130 -25.28 12.11 -8.56
CA LEU A 130 -25.66 13.26 -9.38
C LEU A 130 -26.33 14.33 -8.54
N THR A 131 -27.00 13.91 -7.45
CA THR A 131 -27.59 14.89 -6.54
C THR A 131 -26.54 15.69 -5.80
N SER A 132 -25.30 15.23 -5.73
CA SER A 132 -24.23 16.06 -5.15
C SER A 132 -23.67 17.12 -6.15
N GLY A 133 -24.11 17.09 -7.40
CA GLY A 133 -23.52 18.01 -8.40
C GLY A 133 -22.28 17.46 -9.14
N GLY A 134 -21.88 16.22 -8.79
CA GLY A 134 -20.73 15.58 -9.35
C GLY A 134 -21.12 14.30 -10.06
N ALA A 135 -20.24 13.85 -10.96
CA ALA A 135 -20.43 12.58 -11.65
C ALA A 135 -19.09 11.86 -11.92
N SER A 136 -19.08 10.60 -11.50
CA SER A 136 -17.90 9.74 -11.60
C SER A 136 -18.26 8.57 -12.48
N VAL A 137 -17.54 8.42 -13.60
CA VAL A 137 -17.64 7.23 -14.45
C VAL A 137 -16.54 6.24 -14.07
N VAL A 138 -16.93 4.99 -13.76
CA VAL A 138 -15.98 4.02 -13.22
C VAL A 138 -15.74 2.87 -14.18
N CYS A 139 -14.45 2.61 -14.36
CA CYS A 139 -13.97 1.54 -15.16
C CYS A 139 -13.04 0.61 -14.36
N PHE A 140 -13.43 -0.65 -14.23
CA PHE A 140 -12.61 -1.70 -13.65
C PHE A 140 -11.88 -2.48 -14.71
N LEU A 141 -10.60 -2.74 -14.42
CA LEU A 141 -9.75 -3.56 -15.26
C LEU A 141 -9.09 -4.60 -14.37
N ASN A 142 -9.65 -5.80 -14.35
CA ASN A 142 -9.33 -6.78 -13.30
C ASN A 142 -8.54 -7.99 -13.81
N ASN A 143 -7.61 -8.47 -12.98
CA ASN A 143 -6.82 -9.68 -13.18
C ASN A 143 -6.04 -9.76 -14.49
N PHE A 144 -5.11 -8.82 -14.64
CA PHE A 144 -4.29 -8.73 -15.82
C PHE A 144 -2.82 -8.78 -15.50
N TYR A 145 -2.07 -9.12 -16.54
CA TYR A 145 -0.60 -9.21 -16.48
C TYR A 145 -0.10 -9.12 -17.92
N PRO A 146 0.99 -8.42 -18.15
CA PRO A 146 1.81 -7.66 -17.18
C PRO A 146 1.14 -6.39 -16.75
N LYS A 147 1.78 -5.75 -15.79
CA LYS A 147 1.20 -4.65 -15.10
C LYS A 147 0.96 -3.43 -16.06
N ASP A 148 1.79 -3.30 -17.09
CA ASP A 148 1.83 -2.05 -17.85
C ASP A 148 0.56 -2.00 -18.66
N ILE A 149 -0.15 -0.90 -18.52
CA ILE A 149 -1.45 -0.75 -19.19
C ILE A 149 -1.69 0.73 -19.40
N ASN A 150 -2.32 1.09 -20.50
CA ASN A 150 -2.67 2.48 -20.69
C ASN A 150 -4.16 2.56 -20.77
N VAL A 151 -4.78 3.45 -20.00
CA VAL A 151 -6.21 3.56 -20.05
C VAL A 151 -6.54 4.94 -20.58
N LYS A 152 -7.36 5.00 -21.61
CA LYS A 152 -7.80 6.25 -22.17
C LYS A 152 -9.34 6.36 -22.14
N TRP A 153 -9.85 7.54 -21.77
CA TRP A 153 -11.28 7.86 -21.79
C TRP A 153 -11.64 8.71 -22.99
N LYS A 154 -12.80 8.39 -23.56
CA LYS A 154 -13.42 9.23 -24.55
C LYS A 154 -14.85 9.56 -24.23
N ILE A 155 -15.18 10.80 -24.56
CA ILE A 155 -16.51 11.33 -24.47
C ILE A 155 -16.96 11.68 -25.90
N ASP A 156 -18.05 11.10 -26.36
CA ASP A 156 -18.51 11.31 -27.75
C ASP A 156 -17.39 11.38 -28.71
N GLY A 157 -16.51 10.38 -28.65
CA GLY A 157 -15.44 10.28 -29.59
C GLY A 157 -14.18 11.09 -29.31
N SER A 158 -14.15 11.93 -28.29
CA SER A 158 -12.92 12.67 -28.06
C SER A 158 -12.26 12.32 -26.71
N GLU A 159 -10.91 12.24 -26.70
CA GLU A 159 -10.11 11.87 -25.52
C GLU A 159 -10.23 12.91 -24.46
N ARG A 160 -10.48 12.46 -23.25
CA ARG A 160 -10.63 13.35 -22.14
C ARG A 160 -9.42 13.06 -21.27
N GLN A 161 -8.53 14.05 -21.21
CA GLN A 161 -7.26 13.90 -20.51
C GLN A 161 -7.44 14.12 -19.00
N ASN A 162 -8.24 15.09 -18.62
CA ASN A 162 -8.32 15.52 -17.23
C ASN A 162 -9.50 14.97 -16.53
N GLY A 163 -9.41 14.99 -15.22
CA GLY A 163 -10.48 14.54 -14.37
C GLY A 163 -10.40 13.06 -14.12
N VAL A 164 -9.31 12.43 -14.53
CA VAL A 164 -9.15 10.96 -14.37
C VAL A 164 -8.27 10.54 -13.16
N LEU A 165 -8.73 9.61 -12.35
CA LEU A 165 -7.89 9.12 -11.24
C LEU A 165 -7.83 7.62 -11.30
N ASN A 166 -6.64 7.07 -11.19
CA ASN A 166 -6.37 5.65 -11.32
C ASN A 166 -5.83 5.11 -10.04
N SER A 167 -6.17 3.86 -9.71
CA SER A 167 -5.63 3.22 -8.52
C SER A 167 -5.30 1.81 -8.96
N GLU A 168 -4.12 1.29 -8.59
CA GLU A 168 -3.70 -0.10 -8.97
C GLU A 168 -3.60 -0.96 -7.72
N THR A 169 -4.01 -2.22 -7.78
CA THR A 169 -3.65 -3.12 -6.68
C THR A 169 -2.18 -3.56 -6.79
N ASP A 170 -1.66 -4.05 -5.68
CA ASP A 170 -0.37 -4.71 -5.63
C ASP A 170 -0.57 -6.10 -6.28
N GLN A 171 0.50 -6.77 -6.60
CA GLN A 171 0.38 -7.99 -7.34
C GLN A 171 -0.32 -9.01 -6.46
N ASP A 172 -1.26 -9.77 -7.02
CA ASP A 172 -2.08 -10.70 -6.26
C ASP A 172 -1.29 -11.95 -5.86
N SER A 173 -1.50 -12.41 -4.61
CA SER A 173 -0.68 -13.49 -4.05
C SER A 173 -1.12 -14.84 -4.59
N LYS A 174 -2.40 -15.01 -4.90
CA LYS A 174 -2.90 -16.26 -5.46
C LYS A 174 -2.62 -16.41 -6.95
N ASP A 175 -2.94 -15.42 -7.77
CA ASP A 175 -2.79 -15.64 -9.22
C ASP A 175 -1.75 -14.72 -9.90
N SER A 176 -1.05 -13.91 -9.12
CA SER A 176 -0.01 -13.01 -9.64
C SER A 176 -0.43 -11.93 -10.64
N THR A 177 -1.72 -11.64 -10.68
CA THR A 177 -2.21 -10.59 -11.55
C THR A 177 -2.31 -9.26 -10.84
N TYR A 178 -2.61 -8.26 -11.64
CA TYR A 178 -2.87 -6.93 -11.14
C TYR A 178 -4.28 -6.55 -11.55
N SER A 179 -4.87 -5.63 -10.80
CA SER A 179 -6.10 -5.04 -11.17
C SER A 179 -5.97 -3.48 -11.01
N MET A 180 -6.84 -2.76 -11.72
CA MET A 180 -6.86 -1.33 -11.68
C MET A 180 -8.26 -0.78 -11.79
N SER A 181 -8.47 0.35 -11.11
CA SER A 181 -9.68 1.11 -11.28
C SER A 181 -9.31 2.44 -11.90
N SER A 182 -10.08 2.88 -12.91
CA SER A 182 -9.93 4.23 -13.43
C SER A 182 -11.26 4.96 -13.29
N THR A 183 -11.21 6.19 -12.76
CA THR A 183 -12.40 7.00 -12.52
C THR A 183 -12.33 8.38 -13.19
N LEU A 184 -13.32 8.64 -14.01
CA LEU A 184 -13.44 9.94 -14.67
C LEU A 184 -14.46 10.71 -13.88
N THR A 185 -14.06 11.79 -13.24
CA THR A 185 -15.03 12.62 -12.51
C THR A 185 -15.31 13.89 -13.32
N LEU A 186 -16.60 14.16 -13.50
CA LEU A 186 -17.15 15.38 -14.10
C LEU A 186 -18.21 16.02 -13.19
N THR A 187 -18.54 17.26 -13.51
CA THR A 187 -19.71 17.87 -12.92
C THR A 187 -20.92 17.24 -13.59
N LYS A 188 -22.02 17.22 -12.86
CA LYS A 188 -23.29 16.73 -13.37
C LYS A 188 -23.68 17.43 -14.65
N ASP A 189 -23.62 18.74 -14.67
CA ASP A 189 -24.04 19.44 -15.90
C ASP A 189 -23.15 19.08 -17.08
N GLU A 190 -21.83 18.98 -16.87
CA GLU A 190 -20.93 18.45 -17.94
C GLU A 190 -21.28 17.01 -18.33
N TYR A 191 -21.48 16.16 -17.32
CA TYR A 191 -21.90 14.78 -17.57
C TYR A 191 -23.16 14.76 -18.43
N GLU A 192 -24.13 15.62 -18.09
CA GLU A 192 -25.44 15.56 -18.78
C GLU A 192 -25.47 16.15 -20.21
N ARG A 193 -24.39 16.84 -20.61
CA ARG A 193 -24.20 17.36 -21.99
C ARG A 193 -23.69 16.36 -23.07
N HIS A 194 -23.38 15.13 -22.69
CA HIS A 194 -22.75 14.21 -23.63
C HIS A 194 -23.41 12.89 -23.55
N ASN A 195 -23.32 12.11 -24.62
CA ASN A 195 -24.04 10.86 -24.68
C ASN A 195 -23.18 9.61 -24.49
N THR A 196 -22.02 9.55 -25.14
CA THR A 196 -21.18 8.34 -25.18
C THR A 196 -19.94 8.40 -24.30
N TYR A 197 -19.86 7.50 -23.31
CA TYR A 197 -18.69 7.45 -22.42
C TYR A 197 -17.97 6.10 -22.66
N THR A 198 -16.66 6.15 -22.86
CA THR A 198 -15.85 4.97 -23.20
C THR A 198 -14.55 4.94 -22.40
N CYS A 199 -14.23 3.74 -21.93
CA CYS A 199 -12.96 3.39 -21.32
C CYS A 199 -12.28 2.45 -22.31
N GLU A 200 -11.05 2.82 -22.78
CA GLU A 200 -10.22 2.03 -23.75
C GLU A 200 -8.90 1.64 -23.14
N ALA A 201 -8.63 0.34 -23.07
CA ALA A 201 -7.40 -0.12 -22.49
C ALA A 201 -6.44 -0.60 -23.56
N THR A 202 -5.23 -0.08 -23.52
CA THR A 202 -4.16 -0.65 -24.34
C THR A 202 -3.33 -1.59 -23.49
N HIS A 203 -3.16 -2.81 -23.95
CA HIS A 203 -2.47 -3.83 -23.16
C HIS A 203 -1.92 -4.84 -24.14
N LYS A 204 -0.80 -5.42 -23.81
CA LYS A 204 -0.17 -6.27 -24.79
C LYS A 204 -0.97 -7.53 -25.13
N THR A 205 -1.96 -7.92 -24.35
CA THR A 205 -2.83 -9.02 -24.73
C THR A 205 -3.87 -8.82 -25.87
N SER A 206 -3.97 -7.61 -26.43
CA SER A 206 -4.77 -7.38 -27.58
C SER A 206 -4.03 -6.45 -28.57
N THR A 207 -4.22 -6.67 -29.88
CA THR A 207 -3.62 -5.82 -30.90
C THR A 207 -4.42 -4.52 -31.16
N SER A 208 -5.66 -4.45 -30.67
CA SER A 208 -6.41 -3.19 -30.56
C SER A 208 -6.69 -2.85 -29.08
N PRO A 209 -7.02 -1.57 -28.82
CA PRO A 209 -7.56 -1.17 -27.51
C PRO A 209 -8.79 -2.01 -27.13
N ILE A 210 -8.88 -2.36 -25.86
CA ILE A 210 -9.98 -3.12 -25.25
C ILE A 210 -10.95 -2.07 -24.76
N VAL A 211 -12.20 -2.14 -25.23
CA VAL A 211 -13.12 -1.03 -25.10
C VAL A 211 -14.39 -1.47 -24.41
N LYS A 212 -14.78 -0.70 -23.39
CA LYS A 212 -16.13 -0.76 -22.84
C LYS A 212 -16.77 0.62 -22.89
N SER A 213 -18.09 0.65 -23.10
CA SER A 213 -18.80 1.90 -23.32
C SER A 213 -20.25 1.87 -22.85
N PHE A 214 -20.81 3.05 -22.65
CA PHE A 214 -22.26 3.15 -22.53
C PHE A 214 -22.72 4.48 -23.06
N ASN A 215 -24.01 4.51 -23.38
CA ASN A 215 -24.65 5.71 -23.80
C ASN A 215 -25.62 6.18 -22.74
N ARG A 216 -25.56 7.46 -22.41
CA ARG A 216 -26.45 8.02 -21.39
C ARG A 216 -27.93 7.85 -21.74
N ASN A 217 -28.26 7.85 -23.03
CA ASN A 217 -29.62 7.55 -23.50
C ASN A 217 -30.09 6.10 -23.28
N GLU A 218 -30.44 5.79 -22.02
CA GLU A 218 -31.23 4.58 -21.64
C GLU A 218 -31.14 4.28 -20.14
N ASP B 1 10.65 -15.14 22.71
CA ASP B 1 9.53 -14.98 21.74
C ASP B 1 9.11 -13.51 21.67
N VAL B 2 10.04 -12.69 21.21
CA VAL B 2 9.90 -11.23 21.28
C VAL B 2 8.79 -10.69 20.37
N GLN B 3 7.82 -9.94 20.92
CA GLN B 3 6.84 -9.23 20.07
C GLN B 3 6.71 -7.74 20.40
N LEU B 4 6.47 -6.94 19.37
CA LEU B 4 6.45 -5.48 19.47
C LEU B 4 5.16 -5.04 18.84
N ARG B 5 4.52 -4.10 19.51
CA ARG B 5 3.16 -3.70 19.11
C ARG B 5 3.01 -2.18 19.22
N GLU B 6 2.87 -1.48 18.09
CA GLU B 6 2.70 -0.05 18.18
C GLU B 6 1.22 0.36 18.28
N SER B 7 0.95 1.50 18.90
CA SER B 7 -0.41 2.02 18.98
C SER B 7 -0.37 3.56 19.18
N GLY B 8 -1.49 4.20 18.89
CA GLY B 8 -1.62 5.67 19.04
C GLY B 8 -2.44 6.23 17.86
N PRO B 9 -2.49 7.56 17.70
CA PRO B 9 -3.40 8.17 16.73
C PRO B 9 -3.15 7.89 15.23
N ASP B 10 -4.24 7.63 14.53
CA ASP B 10 -4.35 7.68 13.07
C ASP B 10 -4.00 9.07 12.45
N LEU B 11 -4.35 10.16 13.13
CA LEU B 11 -4.36 11.51 12.48
C LEU B 11 -3.92 12.60 13.43
N VAL B 12 -2.93 13.40 13.04
CA VAL B 12 -2.39 14.52 13.86
C VAL B 12 -2.40 15.79 13.03
N THR B 13 -2.63 16.94 13.66
CA THR B 13 -2.70 18.17 12.92
C THR B 13 -1.30 18.76 12.81
N PRO B 14 -1.07 19.51 11.74
CA PRO B 14 0.25 20.06 11.59
C PRO B 14 0.62 20.90 12.77
N SER B 15 1.91 20.92 13.11
CA SER B 15 2.42 21.68 14.28
C SER B 15 2.27 20.97 15.59
N GLN B 16 1.38 20.00 15.67
CA GLN B 16 1.19 19.32 16.95
C GLN B 16 2.25 18.25 17.17
N SER B 17 2.18 17.57 18.28
CA SER B 17 3.12 16.53 18.56
C SER B 17 2.47 15.23 18.24
N LEU B 18 3.27 14.26 17.86
CA LEU B 18 2.81 12.91 17.69
C LEU B 18 3.43 12.05 18.75
N SER B 19 2.60 11.30 19.43
CA SER B 19 3.04 10.40 20.48
C SER B 19 2.58 8.99 20.11
N LEU B 20 3.51 8.03 20.13
CA LEU B 20 3.12 6.63 19.96
C LEU B 20 3.70 5.79 21.03
N THR B 21 3.12 4.62 21.17
CA THR B 21 3.53 3.67 22.18
C THR B 21 3.91 2.39 21.52
N CYS B 22 4.97 1.78 22.01
CA CYS B 22 5.35 0.45 21.61
C CYS B 22 5.30 -0.43 22.86
N THR B 23 4.45 -1.44 22.80
CA THR B 23 4.31 -2.37 23.88
C THR B 23 5.10 -3.62 23.55
N VAL B 24 6.11 -3.90 24.37
CA VAL B 24 7.01 -5.01 24.09
C VAL B 24 6.64 -6.24 24.91
N THR B 25 6.54 -7.41 24.31
CA THR B 25 6.39 -8.60 25.17
C THR B 25 7.39 -9.70 24.83
N GLY B 26 7.67 -10.56 25.81
CA GLY B 26 8.59 -11.71 25.60
C GLY B 26 10.06 -11.37 25.84
N TYR B 27 10.32 -10.10 26.22
CA TYR B 27 11.67 -9.66 26.51
C TYR B 27 11.60 -8.33 27.26
N SER B 28 12.42 -8.16 28.29
CA SER B 28 12.41 -6.93 29.09
C SER B 28 13.27 -5.84 28.44
N ILE B 29 12.72 -4.66 28.16
CA ILE B 29 13.54 -3.57 27.62
C ILE B 29 14.68 -3.04 28.51
N THR B 30 14.76 -3.46 29.77
CA THR B 30 15.94 -3.10 30.54
C THR B 30 17.06 -4.16 30.53
N SER B 31 16.85 -5.28 29.83
CA SER B 31 17.75 -6.43 29.99
C SER B 31 18.74 -6.48 28.83
N GLY B 32 18.54 -5.65 27.81
CA GLY B 32 19.51 -5.57 26.70
C GLY B 32 18.94 -4.89 25.49
N TYR B 33 19.78 -4.70 24.50
CA TYR B 33 19.43 -4.08 23.24
C TYR B 33 19.09 -2.59 23.32
N SER B 34 19.07 -1.99 22.15
CA SER B 34 18.49 -0.69 21.94
C SER B 34 17.09 -0.90 21.34
N TRP B 35 16.20 0.09 21.51
CA TRP B 35 14.80 -0.12 21.14
C TRP B 35 14.40 1.05 20.25
N HIS B 36 14.04 0.79 18.99
CA HIS B 36 14.12 1.82 17.97
C HIS B 36 12.76 2.21 17.44
N TRP B 37 12.71 3.46 16.95
CA TRP B 37 11.63 3.88 16.11
C TRP B 37 12.15 4.17 14.74
N ASN B 38 11.47 3.57 13.77
CA ASN B 38 11.72 3.78 12.36
C ASN B 38 10.44 4.19 11.72
N ARG B 39 10.54 4.71 10.51
CA ARG B 39 9.29 5.02 9.77
C ARG B 39 9.49 4.85 8.27
N GLN B 40 8.37 4.55 7.62
CA GLN B 40 8.39 4.34 6.18
C GLN B 40 7.42 5.32 5.52
N PHE B 41 7.95 6.05 4.56
CA PHE B 41 7.26 7.12 3.93
C PHE B 41 6.47 6.51 2.78
N PRO B 42 5.43 7.21 2.30
CA PRO B 42 4.81 6.80 1.02
C PRO B 42 5.88 6.86 -0.08
N GLY B 43 5.98 5.81 -0.89
CA GLY B 43 7.13 5.63 -1.80
C GLY B 43 8.16 4.63 -1.26
N ASN B 44 7.92 4.14 -0.04
CA ASN B 44 8.59 2.98 0.54
C ASN B 44 9.94 3.22 1.17
N LYS B 45 10.41 4.46 1.17
CA LYS B 45 11.72 4.72 1.79
C LYS B 45 11.66 4.71 3.32
N LEU B 46 12.73 4.16 3.92
CA LEU B 46 12.82 3.86 5.35
C LEU B 46 13.85 4.75 5.99
N GLU B 47 13.53 5.29 7.18
CA GLU B 47 14.38 6.10 8.00
C GLU B 47 14.37 5.58 9.44
N TRP B 48 15.55 5.57 10.05
CA TRP B 48 15.67 5.32 11.48
C TRP B 48 15.56 6.63 12.14
N MET B 49 14.79 6.70 13.22
CA MET B 49 14.52 7.92 13.89
C MET B 49 15.34 8.08 15.17
N GLY B 50 15.40 7.01 15.98
CA GLY B 50 16.09 7.05 17.25
C GLY B 50 15.96 5.74 18.00
N TYR B 51 16.68 5.64 19.12
CA TYR B 51 16.47 4.51 20.01
C TYR B 51 16.58 4.94 21.43
N ILE B 52 16.07 4.08 22.31
CA ILE B 52 16.34 4.13 23.73
C ILE B 52 17.06 2.82 24.07
N HIS B 53 18.20 2.98 24.74
CA HIS B 53 19.13 1.93 25.05
C HIS B 53 18.57 1.27 26.32
N TYR B 54 18.96 0.04 26.61
CA TYR B 54 18.48 -0.67 27.82
C TYR B 54 18.92 0.07 29.12
N SER B 55 20.03 0.78 29.05
CA SER B 55 20.49 1.64 30.18
C SER B 55 19.56 2.87 30.39
N GLY B 56 18.81 3.22 29.33
CA GLY B 56 17.92 4.38 29.38
C GLY B 56 18.42 5.61 28.64
N SER B 57 19.63 5.54 28.10
CA SER B 57 20.11 6.65 27.26
C SER B 57 19.48 6.60 25.88
N THR B 58 19.57 7.73 25.19
CA THR B 58 18.89 7.92 23.93
C THR B 58 19.79 8.55 22.90
N ASN B 59 19.56 8.20 21.65
CA ASN B 59 20.34 8.70 20.52
C ASN B 59 19.33 8.92 19.38
N TYR B 60 19.45 10.03 18.66
CA TYR B 60 18.43 10.45 17.69
C TYR B 60 19.07 10.82 16.36
N ASN B 61 18.39 10.57 15.24
CA ASN B 61 18.91 10.91 13.96
C ASN B 61 19.09 12.42 13.85
N PRO B 62 20.24 12.91 13.37
CA PRO B 62 20.40 14.37 13.26
C PRO B 62 19.30 15.03 12.48
N SER B 63 18.72 14.30 11.53
CA SER B 63 17.67 14.77 10.65
C SER B 63 16.34 15.16 11.28
N LEU B 64 16.18 14.93 12.59
CA LEU B 64 14.93 15.20 13.34
C LEU B 64 15.17 16.20 14.49
N ARG B 65 15.86 17.30 14.13
CA ARG B 65 16.29 18.36 15.08
C ARG B 65 16.35 17.81 16.50
N GLY B 66 16.19 18.64 17.49
CA GLY B 66 15.58 18.22 18.73
C GLY B 66 14.09 18.48 18.55
N ARG B 67 13.45 17.72 17.67
CA ARG B 67 11.97 17.55 17.82
C ARG B 67 11.54 16.10 18.11
N ILE B 68 12.49 15.17 18.28
CA ILE B 68 12.16 13.79 18.71
C ILE B 68 12.68 13.49 20.12
N SER B 69 11.85 12.83 20.91
CA SER B 69 12.27 12.26 22.18
C SER B 69 11.71 10.82 22.29
N ILE B 70 12.40 9.97 23.00
CA ILE B 70 11.92 8.63 23.23
C ILE B 70 12.03 8.41 24.70
N THR B 71 10.98 7.90 25.31
CA THR B 71 11.03 7.61 26.73
C THR B 71 10.53 6.21 26.95
N ARG B 72 10.50 5.77 28.19
CA ARG B 72 10.06 4.40 28.48
C ARG B 72 9.37 4.25 29.81
N ASP B 73 8.60 3.19 29.94
CA ASP B 73 7.95 2.87 31.19
C ASP B 73 8.36 1.42 31.44
N THR B 74 9.34 1.23 32.29
CA THR B 74 9.95 -0.09 32.40
C THR B 74 9.05 -1.06 33.18
N SER B 75 8.10 -0.52 33.92
CA SER B 75 7.09 -1.30 34.62
C SER B 75 6.06 -1.97 33.70
N LYS B 76 5.71 -1.28 32.64
CA LYS B 76 4.76 -1.79 31.64
C LYS B 76 5.49 -2.42 30.45
N ASN B 77 6.80 -2.26 30.46
CA ASN B 77 7.68 -2.69 29.39
C ASN B 77 7.28 -2.02 28.06
N GLN B 78 7.22 -0.68 28.09
CA GLN B 78 6.77 0.10 26.90
C GLN B 78 7.78 1.18 26.69
N PHE B 79 8.01 1.57 25.44
CA PHE B 79 8.74 2.73 25.16
C PHE B 79 7.92 3.57 24.20
N PHE B 80 8.28 4.84 24.14
CA PHE B 80 7.38 5.81 23.57
C PHE B 80 8.12 6.74 22.61
N LEU B 81 7.46 7.08 21.52
CA LEU B 81 7.98 8.12 20.64
C LEU B 81 7.16 9.39 20.87
N GLN B 82 7.86 10.51 20.89
CA GLN B 82 7.22 11.83 20.73
C GLN B 82 7.91 12.66 19.64
N LEU B 83 7.16 13.03 18.62
CA LEU B 83 7.74 13.87 17.56
C LEU B 83 6.95 15.18 17.53
N ASN B 84 7.61 16.30 17.81
CA ASN B 84 6.94 17.60 17.85
C ASN B 84 6.96 18.33 16.50
N SER B 85 6.15 19.35 16.42
CA SER B 85 6.08 20.27 15.28
C SER B 85 5.89 19.50 14.00
N VAL B 86 5.04 18.49 14.04
CA VAL B 86 4.92 17.68 12.82
C VAL B 86 4.39 18.39 11.59
N THR B 87 4.81 17.85 10.44
CA THR B 87 4.41 18.38 9.17
C THR B 87 3.95 17.28 8.27
N THR B 88 3.49 17.68 7.05
CA THR B 88 3.03 16.73 6.03
C THR B 88 4.11 15.72 5.69
N GLU B 89 5.37 16.13 5.85
CA GLU B 89 6.50 15.24 5.67
C GLU B 89 6.67 14.14 6.71
N ASP B 90 5.86 14.12 7.75
CA ASP B 90 5.98 13.09 8.75
C ASP B 90 4.91 12.10 8.58
N THR B 91 4.15 12.24 7.50
CA THR B 91 3.07 11.33 7.25
C THR B 91 3.75 9.98 6.91
N ALA B 92 3.41 8.88 7.58
CA ALA B 92 4.20 7.66 7.41
C ALA B 92 3.66 6.49 8.19
N THR B 93 4.20 5.30 7.91
CA THR B 93 4.00 4.15 8.80
C THR B 93 5.16 4.07 9.76
N TYR B 94 4.81 4.03 11.04
CA TYR B 94 5.78 4.05 12.13
C TYR B 94 5.91 2.62 12.71
N TYR B 95 7.16 2.19 12.88
CA TYR B 95 7.53 0.88 13.32
C TYR B 95 8.47 1.02 14.50
N CYS B 96 8.18 0.26 15.57
CA CYS B 96 9.10 0.05 16.60
C CYS B 96 9.86 -1.18 16.23
N ALA B 97 11.12 -1.24 16.68
CA ALA B 97 12.00 -2.30 16.22
C ALA B 97 13.15 -2.61 17.17
N ARG B 98 13.68 -3.83 17.06
CA ARG B 98 14.88 -4.23 17.78
C ARG B 98 15.77 -5.05 16.87
N TYR B 99 17.10 -4.90 17.04
CA TYR B 99 18.06 -5.75 16.36
C TYR B 99 17.75 -7.25 16.65
N GLY B 100 18.12 -8.12 15.71
CA GLY B 100 17.69 -9.52 15.74
C GLY B 100 16.50 -9.78 14.86
N GLY B 101 16.06 -8.77 14.10
CA GLY B 101 15.06 -9.00 13.08
C GLY B 101 13.67 -8.85 13.63
N TYR B 102 13.53 -8.05 14.69
CA TYR B 102 12.18 -7.86 15.28
C TYR B 102 11.51 -6.50 14.99
N TRP B 103 10.39 -6.52 14.26
CA TRP B 103 9.65 -5.31 13.94
C TRP B 103 8.23 -5.42 14.43
N GLY B 104 7.61 -4.31 14.79
CA GLY B 104 6.18 -4.30 15.05
C GLY B 104 5.46 -4.36 13.72
N GLN B 105 4.14 -4.51 13.84
CA GLN B 105 3.25 -4.55 12.71
C GLN B 105 3.14 -3.21 12.00
N GLY B 106 3.49 -2.12 12.68
CA GLY B 106 3.54 -0.80 12.07
C GLY B 106 2.23 -0.10 12.31
N THR B 107 2.28 1.23 12.37
CA THR B 107 1.07 2.01 12.56
C THR B 107 1.11 3.28 11.71
N SER B 108 0.04 3.48 10.98
CA SER B 108 0.04 4.51 10.01
C SER B 108 -0.48 5.87 10.58
N VAL B 109 0.28 6.90 10.25
CA VAL B 109 -0.03 8.19 10.75
C VAL B 109 -0.08 9.19 9.64
N THR B 110 -1.23 9.87 9.50
N THR B 110 -1.21 9.91 9.58
CA THR B 110 -1.35 10.99 8.54
CA THR B 110 -1.40 11.00 8.60
C THR B 110 -1.30 12.31 9.29
C THR B 110 -1.33 12.34 9.30
N VAL B 111 -0.62 13.30 8.72
CA VAL B 111 -0.54 14.60 9.32
C VAL B 111 -1.25 15.55 8.40
N ALA B 112 -2.42 16.06 8.80
CA ALA B 112 -3.22 17.01 7.97
C ALA B 112 -4.02 17.90 8.82
N SER B 113 -4.38 19.07 8.30
CA SER B 113 -5.36 19.92 8.99
C SER B 113 -6.79 19.63 8.49
N ALA B 114 -6.97 18.80 7.46
CA ALA B 114 -8.28 18.40 6.97
C ALA B 114 -9.05 17.68 8.09
N ALA B 115 -10.35 17.94 8.18
CA ALA B 115 -11.24 17.42 9.21
C ALA B 115 -11.74 15.99 8.93
N THR B 116 -11.97 15.20 9.99
CA THR B 116 -12.64 13.90 9.83
C THR B 116 -14.02 14.08 9.20
N THR B 117 -14.29 13.33 8.12
CA THR B 117 -15.43 13.53 7.26
C THR B 117 -15.94 12.15 6.85
N PRO B 118 -17.25 11.91 6.95
CA PRO B 118 -17.77 10.60 6.72
C PRO B 118 -17.93 10.39 5.22
N PRO B 119 -17.90 9.12 4.77
CA PRO B 119 -18.00 8.85 3.36
C PRO B 119 -19.43 9.00 2.74
N SER B 120 -19.54 9.39 1.47
CA SER B 120 -20.71 9.02 0.65
C SER B 120 -20.50 7.65 0.04
N VAL B 121 -21.56 6.90 -0.20
CA VAL B 121 -21.42 5.59 -0.77
C VAL B 121 -22.34 5.50 -1.95
N TYR B 122 -21.77 5.31 -3.13
CA TYR B 122 -22.55 5.23 -4.34
C TYR B 122 -22.48 3.81 -4.90
N PRO B 123 -23.59 3.31 -5.44
CA PRO B 123 -23.58 2.01 -6.11
C PRO B 123 -23.11 2.09 -7.57
N LEU B 124 -22.37 1.08 -8.02
CA LEU B 124 -21.97 0.84 -9.40
C LEU B 124 -22.72 -0.37 -9.96
N ALA B 125 -23.70 -0.08 -10.80
CA ALA B 125 -24.53 -1.06 -11.52
C ALA B 125 -24.34 -0.78 -13.00
N PRO B 126 -24.30 -1.83 -13.80
CA PRO B 126 -24.05 -1.73 -15.24
C PRO B 126 -25.12 -0.97 -15.99
N GLY B 127 -24.78 -0.34 -17.12
CA GLY B 127 -25.79 0.19 -18.05
C GLY B 127 -26.57 -0.98 -18.69
N GLY B 128 -27.19 -0.73 -19.86
CA GLY B 128 -28.26 -1.59 -20.44
C GLY B 128 -28.04 -3.01 -21.03
N GLY B 129 -26.98 -3.72 -20.66
CA GLY B 129 -26.93 -5.19 -20.84
C GLY B 129 -25.76 -5.82 -21.56
N ALA B 130 -25.48 -7.08 -21.20
CA ALA B 130 -24.57 -7.98 -21.95
C ALA B 130 -25.04 -9.40 -21.63
N THR B 131 -24.62 -10.39 -22.41
CA THR B 131 -25.11 -11.77 -22.19
C THR B 131 -24.54 -12.46 -20.94
N ASN B 132 -23.32 -12.09 -20.51
CA ASN B 132 -22.39 -13.11 -19.97
C ASN B 132 -22.72 -13.74 -18.59
N SER B 133 -22.14 -14.91 -18.32
CA SER B 133 -22.53 -15.67 -17.14
C SER B 133 -22.11 -15.04 -15.78
N MET B 134 -21.16 -14.10 -15.78
CA MET B 134 -20.70 -13.40 -14.57
C MET B 134 -21.01 -11.92 -14.74
N VAL B 135 -21.29 -11.22 -13.63
CA VAL B 135 -21.51 -9.79 -13.67
C VAL B 135 -20.69 -9.17 -12.63
N THR B 136 -20.25 -7.95 -12.95
CA THR B 136 -19.42 -7.17 -12.07
C THR B 136 -20.25 -5.99 -11.58
N LEU B 137 -20.24 -5.82 -10.27
CA LEU B 137 -20.88 -4.69 -9.57
C LEU B 137 -19.85 -4.04 -8.70
N GLY B 138 -20.15 -2.82 -8.25
CA GLY B 138 -19.26 -2.18 -7.33
C GLY B 138 -19.84 -1.14 -6.42
N CYS B 139 -18.94 -0.58 -5.63
CA CYS B 139 -19.26 0.54 -4.77
C CYS B 139 -18.24 1.63 -4.92
N LEU B 140 -18.70 2.87 -4.93
CA LEU B 140 -17.78 4.01 -4.93
C LEU B 140 -17.90 4.73 -3.58
N VAL B 141 -16.77 4.89 -2.90
CA VAL B 141 -16.78 5.47 -1.55
C VAL B 141 -15.96 6.72 -1.58
N LYS B 142 -16.63 7.84 -1.33
CA LYS B 142 -16.12 9.11 -1.77
C LYS B 142 -16.21 10.18 -0.73
N GLY B 143 -15.12 10.93 -0.62
CA GLY B 143 -15.13 12.15 0.18
C GLY B 143 -15.05 11.93 1.69
N TYR B 144 -14.36 10.85 2.13
CA TYR B 144 -14.13 10.59 3.55
C TYR B 144 -12.70 10.92 3.91
N PHE B 145 -12.48 11.05 5.21
CA PHE B 145 -11.18 11.42 5.76
C PHE B 145 -11.21 11.07 7.22
N PRO B 146 -10.10 10.59 7.78
CA PRO B 146 -8.92 10.11 7.16
C PRO B 146 -9.12 8.63 6.82
N GLU B 147 -8.09 8.01 6.28
CA GLU B 147 -8.05 6.54 6.15
C GLU B 147 -8.18 5.87 7.52
N PRO B 148 -8.66 4.64 7.63
CA PRO B 148 -9.10 3.74 6.60
C PRO B 148 -10.62 3.63 6.48
N VAL B 149 -11.08 3.02 5.40
CA VAL B 149 -12.46 2.50 5.37
C VAL B 149 -12.37 1.00 5.12
N THR B 150 -13.36 0.24 5.58
CA THR B 150 -13.43 -1.15 5.20
C THR B 150 -14.59 -1.29 4.28
N VAL B 151 -14.44 -2.18 3.32
CA VAL B 151 -15.57 -2.58 2.46
C VAL B 151 -15.81 -4.09 2.53
N THR B 152 -17.04 -4.53 2.76
CA THR B 152 -17.34 -5.95 2.60
C THR B 152 -18.51 -6.05 1.68
N TRP B 153 -18.75 -7.25 1.18
CA TRP B 153 -19.91 -7.48 0.30
C TRP B 153 -20.81 -8.56 0.85
N ASN B 154 -22.11 -8.21 1.00
CA ASN B 154 -23.08 -9.04 1.69
C ASN B 154 -22.48 -9.54 2.98
N SER B 155 -21.97 -8.60 3.79
CA SER B 155 -21.45 -8.88 5.13
C SER B 155 -20.28 -9.82 5.16
N GLY B 156 -19.57 -9.94 4.03
CA GLY B 156 -18.47 -10.82 3.94
C GLY B 156 -18.74 -12.21 3.39
N SER B 157 -19.98 -12.62 3.12
CA SER B 157 -20.18 -13.96 2.55
C SER B 157 -19.65 -14.02 1.11
N LEU B 158 -19.63 -12.87 0.44
CA LEU B 158 -18.92 -12.70 -0.84
C LEU B 158 -17.52 -12.13 -0.62
N SER B 159 -16.52 -13.01 -0.60
CA SER B 159 -15.12 -12.61 -0.51
C SER B 159 -14.33 -13.08 -1.73
N GLY B 160 -14.72 -14.23 -2.28
CA GLY B 160 -14.10 -14.82 -3.45
C GLY B 160 -13.68 -13.83 -4.52
N GLY B 161 -14.64 -13.21 -5.20
CA GLY B 161 -14.30 -12.42 -6.43
C GLY B 161 -14.32 -10.91 -6.23
N VAL B 162 -13.59 -10.44 -5.23
CA VAL B 162 -13.65 -9.02 -4.78
C VAL B 162 -12.34 -8.31 -5.06
N HIS B 163 -12.38 -7.06 -5.53
CA HIS B 163 -11.17 -6.20 -5.58
C HIS B 163 -11.48 -4.84 -4.98
N THR B 164 -10.74 -4.47 -3.93
CA THR B 164 -10.97 -3.17 -3.29
C THR B 164 -9.72 -2.40 -3.54
N PHE B 165 -9.83 -1.22 -4.12
CA PHE B 165 -8.63 -0.55 -4.61
C PHE B 165 -8.15 0.44 -3.59
N PRO B 166 -6.84 0.66 -3.50
CA PRO B 166 -6.25 1.70 -2.70
C PRO B 166 -6.90 3.05 -2.95
N ALA B 167 -7.09 3.78 -1.87
CA ALA B 167 -7.74 5.08 -1.93
C ALA B 167 -6.81 6.10 -2.60
N VAL B 168 -7.39 7.08 -3.28
CA VAL B 168 -6.64 8.19 -3.84
C VAL B 168 -7.17 9.50 -3.27
N LEU B 169 -6.30 10.51 -3.14
CA LEU B 169 -6.76 11.88 -2.85
C LEU B 169 -7.58 12.49 -3.98
N GLN B 170 -8.61 13.21 -3.59
CA GLN B 170 -9.55 13.80 -4.51
C GLN B 170 -10.21 14.98 -3.74
N SER B 171 -9.91 16.21 -4.18
CA SER B 171 -10.32 17.44 -3.50
C SER B 171 -9.98 17.37 -2.01
N ASP B 172 -8.77 16.97 -1.65
CA ASP B 172 -8.37 16.91 -0.23
C ASP B 172 -9.14 15.92 0.65
N LEU B 173 -9.81 14.95 0.03
CA LEU B 173 -10.40 13.83 0.77
C LEU B 173 -10.21 12.53 -0.05
N TYR B 174 -10.52 11.39 0.53
CA TYR B 174 -10.21 10.11 -0.12
C TYR B 174 -11.38 9.58 -0.89
N THR B 175 -11.08 8.88 -1.97
CA THR B 175 -12.10 8.16 -2.76
C THR B 175 -11.53 6.78 -3.04
N LEU B 176 -12.30 5.75 -2.74
CA LEU B 176 -11.93 4.39 -3.19
C LEU B 176 -13.07 3.70 -3.87
N SER B 177 -12.76 2.59 -4.53
CA SER B 177 -13.81 1.78 -5.16
C SER B 177 -13.46 0.34 -4.87
N SER B 178 -14.47 -0.45 -4.99
CA SER B 178 -14.41 -1.88 -4.87
C SER B 178 -15.32 -2.51 -5.89
N SER B 179 -14.92 -3.66 -6.44
CA SER B 179 -15.76 -4.36 -7.35
C SER B 179 -15.97 -5.76 -6.83
N VAL B 180 -17.10 -6.30 -7.22
CA VAL B 180 -17.35 -7.70 -6.92
C VAL B 180 -17.95 -8.36 -8.16
N THR B 181 -17.58 -9.62 -8.39
CA THR B 181 -18.01 -10.31 -9.59
C THR B 181 -18.78 -11.53 -9.19
N VAL B 182 -20.04 -11.62 -9.57
CA VAL B 182 -20.87 -12.79 -9.15
C VAL B 182 -21.53 -13.37 -10.35
N PRO B 183 -22.12 -14.60 -10.22
CA PRO B 183 -22.93 -15.16 -11.30
C PRO B 183 -24.17 -14.36 -11.60
N SER B 184 -24.45 -14.15 -12.88
CA SER B 184 -25.61 -13.39 -13.29
C SER B 184 -26.87 -14.14 -12.84
N SER B 185 -26.75 -15.43 -12.58
CA SER B 185 -27.89 -16.19 -12.07
C SER B 185 -28.32 -15.68 -10.69
N THR B 186 -27.39 -15.11 -9.95
CA THR B 186 -27.66 -14.64 -8.58
C THR B 186 -27.97 -13.15 -8.45
N TRP B 187 -27.60 -12.34 -9.44
CA TRP B 187 -27.95 -10.92 -9.44
C TRP B 187 -28.50 -10.59 -10.81
N PRO B 188 -29.65 -9.88 -10.88
CA PRO B 188 -30.33 -9.22 -9.75
C PRO B 188 -31.36 -10.06 -8.97
N SER B 189 -31.57 -11.32 -9.34
CA SER B 189 -32.54 -12.16 -8.62
C SER B 189 -32.28 -12.24 -7.09
N GLU B 190 -31.02 -12.20 -6.63
CA GLU B 190 -30.70 -11.99 -5.21
C GLU B 190 -29.96 -10.64 -4.93
N THR B 191 -30.10 -10.14 -3.71
N THR B 191 -30.09 -10.17 -3.70
CA THR B 191 -29.48 -8.88 -3.31
CA THR B 191 -29.46 -8.93 -3.26
C THR B 191 -27.97 -8.98 -3.09
C THR B 191 -27.95 -9.02 -3.14
N VAL B 192 -27.29 -7.97 -3.60
CA VAL B 192 -25.89 -7.78 -3.33
C VAL B 192 -25.85 -6.41 -2.74
N THR B 193 -25.11 -6.34 -1.63
CA THR B 193 -25.01 -5.16 -0.84
C THR B 193 -23.56 -4.87 -0.51
N CYS B 194 -23.20 -3.59 -0.65
CA CYS B 194 -21.88 -3.31 -0.15
C CYS B 194 -21.97 -2.67 1.24
N ASN B 195 -21.16 -3.18 2.16
CA ASN B 195 -21.10 -2.68 3.52
C ASN B 195 -19.83 -1.91 3.70
N VAL B 196 -19.98 -0.65 4.08
CA VAL B 196 -18.87 0.24 4.22
C VAL B 196 -18.73 0.71 5.66
N ALA B 197 -17.54 0.64 6.23
CA ALA B 197 -17.35 1.08 7.59
C ALA B 197 -16.30 2.14 7.60
N HIS B 198 -16.59 3.28 8.24
CA HIS B 198 -15.58 4.34 8.43
C HIS B 198 -15.43 4.60 9.92
N PRO B 199 -14.44 3.96 10.55
CA PRO B 199 -14.32 4.07 12.02
C PRO B 199 -14.08 5.47 12.58
N ALA B 200 -13.32 6.28 11.86
CA ALA B 200 -13.00 7.61 12.34
C ALA B 200 -14.26 8.41 12.55
N SER B 201 -15.31 8.17 11.75
CA SER B 201 -16.55 8.96 11.93
C SER B 201 -17.63 8.15 12.62
N SER B 202 -17.30 6.95 13.10
CA SER B 202 -18.31 6.00 13.65
C SER B 202 -19.51 5.69 12.74
N THR B 203 -19.22 5.37 11.49
CA THR B 203 -20.27 5.18 10.47
C THR B 203 -20.19 3.81 9.85
N LYS B 204 -21.36 3.21 9.62
CA LYS B 204 -21.51 2.05 8.73
C LYS B 204 -22.63 2.40 7.77
N VAL B 205 -22.40 2.15 6.49
CA VAL B 205 -23.40 2.37 5.46
C VAL B 205 -23.57 1.04 4.75
N ASP B 206 -24.82 0.61 4.56
CA ASP B 206 -25.09 -0.47 3.58
C ASP B 206 -25.76 0.09 2.35
N LYS B 207 -25.23 -0.26 1.20
CA LYS B 207 -25.86 0.15 -0.06
C LYS B 207 -26.20 -1.10 -0.87
N LYS B 208 -27.46 -1.21 -1.22
CA LYS B 208 -27.91 -2.29 -2.04
C LYS B 208 -27.66 -1.90 -3.47
N ILE B 209 -27.19 -2.82 -4.30
CA ILE B 209 -26.94 -2.50 -5.69
C ILE B 209 -28.21 -2.91 -6.44
N VAL B 210 -28.96 -1.94 -6.95
CA VAL B 210 -30.25 -2.19 -7.64
C VAL B 210 -30.01 -2.00 -9.15
N PRO B 211 -30.61 -2.85 -10.02
CA PRO B 211 -30.55 -2.71 -11.49
C PRO B 211 -31.00 -1.37 -12.02
N ARG B 212 -30.38 -0.90 -13.10
CA ARG B 212 -30.78 0.34 -13.79
C ARG B 212 -30.74 1.55 -12.87
#